data_5OBU
#
_entry.id   5OBU
#
_cell.length_a   133.823
_cell.length_b   133.823
_cell.length_c   64.126
_cell.angle_alpha   90.000
_cell.angle_beta   90.000
_cell.angle_gamma   90.000
#
_symmetry.space_group_name_H-M   'P 43 21 2'
#
loop_
_entity.id
_entity.type
_entity.pdbx_description
1 polymer 'Chaperone protein DnaK'
2 non-polymer 'MAGNESIUM ION'
3 non-polymer 'PHOSPHOAMINOPHOSPHONIC ACID-ADENYLATE ESTER'
4 non-polymer 'THIOCYANATE ION'
5 water water
#
_entity_poly.entity_id   1
_entity_poly.type   'polypeptide(L)'
_entity_poly.pdbx_seq_one_letter_code
;MSADNGLIIGIDLGTTNSCVSVMEGGRPVVLENPEGKRTTPSIVSYKNNEIIVGDAAKRQMVTNPNTIVSIKRLMGTSNK
VKVQNADGTTKELSPEQVSAQILSYLKDFAEKKIGKKISRAVITVPAYFNDAERNATKTAGKIAGLNVERIINEPTAAAL
AYGIDKASREMKVLVYDLGGGTFDVSLLDIAEGTFEVLATAGDNRLGGDDWDNKIIEYISAYIAKEHQGLNLSKDKMAMQ
RLKEAAERAKIELSAQLETIISLPFLTVTQKGPVNVELKLTRAKFEELTKPLLERTRNPISDVIKEAKIKPEEINEILLV
GGSTRMPAVQKLVESMVPGKKPNRSINPDEVVAIGAAIQGGVLRGDVKDVLLLDVTPLTLSIETLGGVATPLIKRNTTIP
VSKSQIFSTAQDNQESVDVVVCQGERPMSRDNKSLGRFNLGGIQPAPKGKPQIEITFSLDANGILNVKAKDLTTQKENSI
TISDNGNLSEEEIQKMIRDAEANKERDNIIRERIELRNEGELEHHHHHH
;
_entity_poly.pdbx_strand_id   A
#
# COMPACT_ATOMS: atom_id res chain seq x y z
N ASN A 5 8.13 -4.71 -21.75
CA ASN A 5 7.16 -5.83 -21.97
C ASN A 5 6.11 -5.97 -20.82
N GLY A 6 6.14 -7.07 -20.05
CA GLY A 6 5.08 -7.38 -19.09
C GLY A 6 5.15 -6.60 -17.78
N LEU A 7 4.25 -6.97 -16.87
CA LEU A 7 4.16 -6.35 -15.54
C LEU A 7 5.46 -6.48 -14.76
N ILE A 8 5.78 -5.46 -13.97
CA ILE A 8 6.93 -5.48 -13.09
C ILE A 8 6.42 -5.40 -11.65
N ILE A 9 6.51 -6.53 -10.93
CA ILE A 9 6.07 -6.60 -9.53
C ILE A 9 7.10 -5.98 -8.57
N GLY A 10 6.62 -5.45 -7.47
CA GLY A 10 7.46 -4.87 -6.43
C GLY A 10 7.56 -5.85 -5.27
N ILE A 11 8.78 -6.18 -4.86
CA ILE A 11 9.01 -7.15 -3.81
C ILE A 11 9.87 -6.56 -2.68
N ASP A 12 9.30 -6.58 -1.48
CA ASP A 12 10.02 -6.31 -0.25
C ASP A 12 10.46 -7.68 0.27
N LEU A 13 11.74 -7.98 0.13
CA LEU A 13 12.32 -9.22 0.64
C LEU A 13 12.93 -8.93 2.01
N GLY A 14 12.14 -9.12 3.06
CA GLY A 14 12.53 -8.73 4.41
C GLY A 14 13.22 -9.84 5.16
N THR A 15 13.91 -9.48 6.24
CA THR A 15 14.55 -10.49 7.10
C THR A 15 13.50 -11.40 7.73
N THR A 16 12.38 -10.80 8.12
CA THR A 16 11.32 -11.50 8.85
C THR A 16 10.13 -11.83 7.96
N ASN A 17 9.63 -10.82 7.24
CA ASN A 17 8.47 -10.97 6.38
C ASN A 17 8.73 -10.37 5.01
N SER A 18 8.09 -10.95 4.00
CA SER A 18 8.14 -10.43 2.65
C SER A 18 6.75 -10.03 2.19
N CYS A 19 6.72 -9.18 1.17
CA CYS A 19 5.50 -8.59 0.67
C CYS A 19 5.64 -8.32 -0.82
N VAL A 20 4.57 -8.58 -1.58
CA VAL A 20 4.57 -8.41 -3.04
C VAL A 20 3.39 -7.55 -3.46
N SER A 21 3.67 -6.56 -4.30
CA SER A 21 2.69 -5.61 -4.78
C SER A 21 2.85 -5.41 -6.28
N VAL A 22 1.78 -4.93 -6.91
CA VAL A 22 1.80 -4.61 -8.34
C VAL A 22 0.80 -3.49 -8.65
N MET A 23 1.11 -2.70 -9.67
CA MET A 23 0.18 -1.69 -10.17
C MET A 23 -0.97 -2.37 -10.92
N GLU A 24 -2.21 -2.10 -10.48
CA GLU A 24 -3.42 -2.50 -11.18
C GLU A 24 -4.33 -1.28 -11.30
N GLY A 25 -4.73 -0.92 -12.52
CA GLY A 25 -5.60 0.23 -12.76
C GLY A 25 -5.06 1.55 -12.23
N GLY A 26 -3.75 1.74 -12.33
CA GLY A 26 -3.08 2.95 -11.83
C GLY A 26 -3.05 3.13 -10.32
N ARG A 27 -3.19 2.04 -9.57
CA ARG A 27 -3.01 2.04 -8.11
C ARG A 27 -2.19 0.81 -7.72
N PRO A 28 -1.31 0.93 -6.71
CA PRO A 28 -0.61 -0.26 -6.24
C PRO A 28 -1.51 -1.12 -5.36
N VAL A 29 -1.50 -2.43 -5.63
CA VAL A 29 -2.28 -3.40 -4.87
C VAL A 29 -1.30 -4.35 -4.20
N VAL A 30 -1.55 -4.67 -2.93
CA VAL A 30 -0.77 -5.67 -2.22
C VAL A 30 -1.47 -7.01 -2.39
N LEU A 31 -0.74 -8.00 -2.90
CA LEU A 31 -1.31 -9.33 -3.17
C LEU A 31 -1.24 -10.26 -1.97
N GLU A 32 -2.38 -10.88 -1.64
CA GLU A 32 -2.47 -11.86 -0.57
C GLU A 32 -1.89 -13.21 -0.96
N ASN A 33 -1.23 -13.86 -0.02
CA ASN A 33 -0.72 -15.22 -0.21
C ASN A 33 -1.89 -16.24 -0.10
N PRO A 34 -1.62 -17.54 -0.38
CA PRO A 34 -2.70 -18.54 -0.29
C PRO A 34 -3.38 -18.72 1.08
N GLU A 35 -2.76 -18.24 2.17
CA GLU A 35 -3.43 -18.23 3.48
C GLU A 35 -4.20 -16.91 3.75
N GLY A 36 -4.34 -16.07 2.73
CA GLY A 36 -5.06 -14.79 2.85
C GLY A 36 -4.29 -13.66 3.52
N LYS A 37 -2.98 -13.80 3.65
CA LYS A 37 -2.14 -12.85 4.38
C LYS A 37 -1.40 -11.92 3.42
N ARG A 38 -1.36 -10.64 3.76
CA ARG A 38 -0.73 -9.62 2.91
C ARG A 38 0.80 -9.57 3.05
N THR A 39 1.34 -10.22 4.08
CA THR A 39 2.78 -10.50 4.16
C THR A 39 3.03 -12.01 4.38
N THR A 40 4.23 -12.44 4.01
CA THR A 40 4.63 -13.85 4.05
C THR A 40 5.93 -13.97 4.84
N PRO A 41 5.99 -14.86 5.86
CA PRO A 41 7.27 -15.04 6.57
C PRO A 41 8.42 -15.48 5.66
N SER A 42 9.58 -14.83 5.84
CA SER A 42 10.79 -15.10 5.07
C SER A 42 11.50 -16.29 5.68
N ILE A 43 10.85 -17.45 5.63
CA ILE A 43 11.32 -18.65 6.29
C ILE A 43 11.09 -19.79 5.31
N VAL A 44 12.07 -20.69 5.22
CA VAL A 44 12.00 -21.87 4.37
C VAL A 44 12.33 -23.07 5.27
N SER A 45 11.50 -24.10 5.20
CA SER A 45 11.77 -25.35 5.89
C SER A 45 11.76 -26.51 4.90
N TYR A 46 12.25 -27.66 5.35
CA TYR A 46 12.37 -28.85 4.51
C TYR A 46 11.92 -30.06 5.31
N LYS A 47 11.04 -30.85 4.70
CA LYS A 47 10.52 -32.06 5.31
C LYS A 47 10.08 -33.01 4.21
N ASN A 48 10.48 -34.28 4.31
CA ASN A 48 10.20 -35.29 3.28
C ASN A 48 10.63 -34.82 1.89
N ASN A 49 11.82 -34.21 1.80
CA ASN A 49 12.36 -33.61 0.59
C ASN A 49 11.40 -32.64 -0.14
N GLU A 50 10.57 -31.95 0.65
CA GLU A 50 9.64 -30.96 0.13
C GLU A 50 9.98 -29.63 0.78
N ILE A 51 9.97 -28.57 -0.03
CA ILE A 51 10.34 -27.24 0.41
C ILE A 51 9.04 -26.59 0.90
N ILE A 52 9.11 -25.96 2.07
CA ILE A 52 7.96 -25.36 2.72
C ILE A 52 8.32 -23.89 2.95
N VAL A 53 7.52 -22.97 2.42
CA VAL A 53 7.82 -21.54 2.51
C VAL A 53 6.69 -20.81 3.20
N GLY A 54 7.04 -19.82 4.02
CA GLY A 54 6.08 -18.88 4.59
C GLY A 54 5.47 -19.33 5.91
N ASP A 55 4.16 -19.19 6.01
CA ASP A 55 3.44 -19.39 7.28
C ASP A 55 3.59 -20.82 7.81
N ALA A 56 3.54 -21.80 6.90
CA ALA A 56 3.70 -23.21 7.28
C ALA A 56 5.11 -23.53 7.79
N ALA A 57 6.11 -22.83 7.26
CA ALA A 57 7.49 -22.95 7.78
C ALA A 57 7.64 -22.29 9.16
N LYS A 58 7.04 -21.11 9.34
CA LYS A 58 7.10 -20.39 10.62
C LYS A 58 6.49 -21.21 11.75
N ARG A 59 5.40 -21.91 11.47
CA ARG A 59 4.74 -22.79 12.44
C ARG A 59 5.56 -24.02 12.87
N GLN A 60 6.70 -24.28 12.22
CA GLN A 60 7.60 -25.35 12.62
C GLN A 60 9.05 -24.90 12.75
N MET A 61 9.28 -23.60 12.94
CA MET A 61 10.66 -23.07 12.95
C MET A 61 11.48 -23.48 14.18
N VAL A 62 10.82 -23.80 15.28
CA VAL A 62 11.52 -24.31 16.46
C VAL A 62 11.61 -25.84 16.41
N THR A 63 10.50 -26.48 16.03
CA THR A 63 10.36 -27.95 16.11
C THR A 63 11.03 -28.72 14.96
N ASN A 64 11.14 -28.11 13.79
CA ASN A 64 11.82 -28.72 12.64
C ASN A 64 13.20 -28.07 12.53
N PRO A 65 14.28 -28.83 12.81
CA PRO A 65 15.63 -28.25 12.77
C PRO A 65 16.14 -27.92 11.36
N ASN A 66 15.44 -28.39 10.31
CA ASN A 66 15.73 -28.00 8.92
C ASN A 66 15.21 -26.61 8.51
N THR A 67 14.78 -25.78 9.46
CA THR A 67 14.15 -24.53 9.10
C THR A 67 15.21 -23.44 9.04
N ILE A 68 15.16 -22.64 7.98
CA ILE A 68 16.13 -21.57 7.74
C ILE A 68 15.42 -20.25 8.01
N VAL A 69 15.86 -19.57 9.06
CA VAL A 69 15.30 -18.29 9.48
C VAL A 69 16.36 -17.21 9.28
N SER A 70 15.91 -15.99 8.96
CA SER A 70 16.78 -14.82 8.85
C SER A 70 17.92 -14.99 7.85
N ILE A 71 17.66 -15.67 6.74
CA ILE A 71 18.67 -15.86 5.69
C ILE A 71 19.27 -14.55 5.15
N LYS A 72 18.48 -13.47 5.16
CA LYS A 72 18.94 -12.15 4.71
C LYS A 72 20.22 -11.70 5.42
N ARG A 73 20.41 -12.11 6.69
CA ARG A 73 21.65 -11.83 7.44
C ARG A 73 22.93 -12.38 6.79
N LEU A 74 22.82 -13.44 5.99
CA LEU A 74 23.97 -14.06 5.32
C LEU A 74 24.12 -13.64 3.86
N MET A 75 23.15 -12.89 3.34
CA MET A 75 23.20 -12.44 1.94
C MET A 75 24.44 -11.58 1.71
N GLY A 76 25.11 -11.84 0.59
CA GLY A 76 26.36 -11.19 0.25
C GLY A 76 27.61 -11.88 0.80
N THR A 77 27.44 -12.96 1.56
CA THR A 77 28.56 -13.73 2.07
C THR A 77 28.61 -15.08 1.39
N SER A 78 29.73 -15.77 1.62
CA SER A 78 29.96 -17.09 1.06
C SER A 78 29.53 -18.20 2.03
N ASN A 79 28.81 -17.86 3.10
CA ASN A 79 28.31 -18.88 4.03
C ASN A 79 27.33 -19.81 3.34
N LYS A 80 27.24 -21.03 3.83
CA LYS A 80 26.27 -22.00 3.39
C LYS A 80 25.46 -22.39 4.61
N VAL A 81 24.21 -22.78 4.37
CA VAL A 81 23.35 -23.33 5.43
C VAL A 81 23.14 -24.81 5.12
N LYS A 82 23.21 -25.65 6.15
CA LYS A 82 23.09 -27.09 5.99
C LYS A 82 21.67 -27.50 6.33
N VAL A 83 21.09 -28.37 5.51
CA VAL A 83 19.83 -29.04 5.85
C VAL A 83 20.00 -30.53 5.61
N GLN A 84 19.26 -31.32 6.39
CA GLN A 84 19.23 -32.77 6.22
C GLN A 84 18.19 -33.16 5.17
N ASN A 85 18.60 -34.02 4.26
CA ASN A 85 17.69 -34.68 3.33
C ASN A 85 16.92 -35.77 4.07
N ALA A 86 15.86 -36.26 3.43
CA ALA A 86 15.03 -37.35 3.99
C ALA A 86 15.86 -38.58 4.35
N ASP A 87 16.90 -38.88 3.56
CA ASP A 87 17.75 -40.05 3.81
C ASP A 87 18.87 -39.85 4.84
N GLY A 88 18.92 -38.69 5.50
CA GLY A 88 19.97 -38.42 6.50
C GLY A 88 21.23 -37.78 5.96
N THR A 89 21.39 -37.69 4.64
CA THR A 89 22.52 -36.97 4.05
C THR A 89 22.27 -35.47 4.19
N THR A 90 23.33 -34.69 3.97
CA THR A 90 23.31 -33.25 4.19
C THR A 90 23.40 -32.53 2.86
N LYS A 91 22.62 -31.45 2.73
CA LYS A 91 22.63 -30.59 1.55
C LYS A 91 23.06 -29.20 2.01
N GLU A 92 23.94 -28.55 1.24
CA GLU A 92 24.35 -27.17 1.50
C GLU A 92 23.64 -26.23 0.55
N LEU A 93 23.11 -25.13 1.10
CA LEU A 93 22.41 -24.12 0.31
C LEU A 93 23.05 -22.75 0.52
N SER A 94 23.17 -21.99 -0.56
CA SER A 94 23.63 -20.61 -0.48
C SER A 94 22.49 -19.71 -0.03
N PRO A 95 22.81 -18.53 0.54
CA PRO A 95 21.77 -17.54 0.82
C PRO A 95 20.96 -17.16 -0.44
N GLU A 96 21.62 -17.12 -1.60
CA GLU A 96 20.94 -16.84 -2.87
C GLU A 96 19.84 -17.87 -3.18
N GLN A 97 20.17 -19.14 -3.00
CA GLN A 97 19.23 -20.24 -3.25
C GLN A 97 18.01 -20.20 -2.32
N VAL A 98 18.24 -19.94 -1.05
CA VAL A 98 17.17 -19.90 -0.05
C VAL A 98 16.28 -18.68 -0.31
N SER A 99 16.91 -17.53 -0.55
CA SER A 99 16.17 -16.31 -0.87
C SER A 99 15.35 -16.51 -2.15
N ALA A 100 15.91 -17.21 -3.13
CA ALA A 100 15.20 -17.51 -4.39
C ALA A 100 13.94 -18.36 -4.20
N GLN A 101 13.96 -19.29 -3.24
CA GLN A 101 12.76 -20.06 -2.89
C GLN A 101 11.66 -19.17 -2.30
N ILE A 102 12.04 -18.15 -1.53
CA ILE A 102 11.07 -17.17 -1.00
C ILE A 102 10.48 -16.37 -2.16
N LEU A 103 11.35 -15.86 -3.02
CA LEU A 103 10.92 -15.09 -4.20
C LEU A 103 10.06 -15.91 -5.14
N SER A 104 10.42 -17.18 -5.37
CA SER A 104 9.64 -18.06 -6.24
C SER A 104 8.23 -18.29 -5.70
N TYR A 105 8.11 -18.39 -4.39
CA TYR A 105 6.81 -18.57 -3.74
C TYR A 105 5.92 -17.34 -3.92
N LEU A 106 6.50 -16.15 -3.69
CA LEU A 106 5.79 -14.88 -3.89
C LEU A 106 5.35 -14.72 -5.35
N LYS A 107 6.30 -14.98 -6.25
CA LYS A 107 6.08 -14.94 -7.70
C LYS A 107 4.94 -15.88 -8.14
N ASP A 108 4.97 -17.11 -7.64
CA ASP A 108 3.96 -18.12 -7.99
C ASP A 108 2.55 -17.70 -7.57
N PHE A 109 2.36 -17.28 -6.32
CA PHE A 109 1.02 -16.86 -5.90
C PHE A 109 0.59 -15.53 -6.53
N ALA A 110 1.54 -14.63 -6.79
CA ALA A 110 1.27 -13.40 -7.55
C ALA A 110 0.71 -13.71 -8.94
N GLU A 111 1.35 -14.66 -9.63
CA GLU A 111 0.91 -15.09 -10.97
C GLU A 111 -0.50 -15.66 -10.92
N LYS A 112 -0.77 -16.53 -9.95
CA LYS A 112 -2.09 -17.15 -9.82
C LYS A 112 -3.18 -16.15 -9.46
N LYS A 113 -2.82 -15.08 -8.72
CA LYS A 113 -3.76 -14.02 -8.36
C LYS A 113 -4.06 -13.11 -9.55
N ILE A 114 -3.02 -12.69 -10.26
CA ILE A 114 -3.15 -11.81 -11.43
C ILE A 114 -3.65 -12.58 -12.67
N GLY A 115 -3.33 -13.87 -12.74
CA GLY A 115 -3.66 -14.70 -13.88
C GLY A 115 -2.75 -14.55 -15.09
N LYS A 116 -1.53 -14.07 -14.88
CA LYS A 116 -0.52 -13.93 -15.93
C LYS A 116 0.84 -14.40 -15.43
N LYS A 117 1.70 -14.78 -16.37
CA LYS A 117 3.11 -15.06 -16.10
C LYS A 117 3.83 -13.74 -15.77
N ILE A 118 4.70 -13.78 -14.76
CA ILE A 118 5.48 -12.61 -14.32
C ILE A 118 6.94 -12.99 -14.45
N SER A 119 7.73 -12.14 -15.11
CA SER A 119 9.16 -12.39 -15.31
C SER A 119 10.04 -11.17 -14.99
N ARG A 120 9.48 -10.17 -14.32
CA ARG A 120 10.20 -8.91 -14.04
C ARG A 120 9.86 -8.43 -12.63
N ALA A 121 10.85 -7.86 -11.94
CA ALA A 121 10.65 -7.35 -10.59
C ALA A 121 11.55 -6.16 -10.23
N VAL A 122 11.05 -5.33 -9.32
CA VAL A 122 11.89 -4.41 -8.57
C VAL A 122 11.99 -5.00 -7.17
N ILE A 123 13.20 -5.21 -6.69
CA ILE A 123 13.41 -5.80 -5.37
C ILE A 123 14.11 -4.79 -4.50
N THR A 124 13.67 -4.67 -3.25
CA THR A 124 14.22 -3.69 -2.33
C THR A 124 15.31 -4.29 -1.41
N VAL A 125 16.20 -3.42 -0.96
CA VAL A 125 17.28 -3.76 -0.03
C VAL A 125 17.46 -2.66 1.01
N PRO A 126 18.08 -2.98 2.17
CA PRO A 126 18.43 -1.91 3.10
C PRO A 126 19.42 -0.90 2.49
N ALA A 127 19.36 0.34 2.94
CA ALA A 127 20.23 1.42 2.44
C ALA A 127 21.72 1.11 2.62
N TYR A 128 22.06 0.46 3.73
CA TYR A 128 23.45 0.07 4.00
C TYR A 128 23.99 -1.07 3.10
N PHE A 129 23.13 -1.77 2.36
CA PHE A 129 23.61 -2.89 1.54
C PHE A 129 24.70 -2.45 0.56
N ASN A 130 25.80 -3.19 0.58
CA ASN A 130 26.92 -2.99 -0.33
C ASN A 130 26.67 -3.78 -1.65
N ASP A 131 27.63 -3.73 -2.57
CA ASP A 131 27.48 -4.40 -3.85
C ASP A 131 27.33 -5.92 -3.72
N ALA A 132 28.08 -6.55 -2.81
CA ALA A 132 27.99 -8.00 -2.62
C ALA A 132 26.59 -8.41 -2.17
N GLU A 133 26.05 -7.64 -1.23
CA GLU A 133 24.71 -7.88 -0.69
C GLU A 133 23.62 -7.60 -1.73
N ARG A 134 23.77 -6.50 -2.48
N ARG A 134 23.76 -6.51 -2.49
CA ARG A 134 22.84 -6.17 -3.57
CA ARG A 134 22.82 -6.18 -3.57
C ARG A 134 22.88 -7.19 -4.71
C ARG A 134 22.87 -7.20 -4.70
N ASN A 135 24.08 -7.62 -5.08
CA ASN A 135 24.26 -8.62 -6.15
C ASN A 135 23.73 -10.01 -5.78
N ALA A 136 23.90 -10.39 -4.51
CA ALA A 136 23.29 -11.59 -3.96
C ALA A 136 21.76 -11.59 -4.10
N THR A 137 21.17 -10.42 -3.84
CA THR A 137 19.72 -10.22 -3.92
C THR A 137 19.26 -10.28 -5.37
N LYS A 138 20.01 -9.65 -6.26
CA LYS A 138 19.76 -9.73 -7.69
C LYS A 138 19.86 -11.16 -8.21
N THR A 139 20.89 -11.89 -7.76
CA THR A 139 21.07 -13.29 -8.15
C THR A 139 19.90 -14.18 -7.69
N ALA A 140 19.43 -13.95 -6.47
CA ALA A 140 18.22 -14.63 -5.98
C ALA A 140 17.04 -14.42 -6.91
N GLY A 141 16.83 -13.19 -7.35
CA GLY A 141 15.78 -12.87 -8.33
C GLY A 141 15.95 -13.64 -9.64
N LYS A 142 17.17 -13.61 -10.18
CA LYS A 142 17.51 -14.35 -11.41
C LYS A 142 17.23 -15.85 -11.27
N ILE A 143 17.62 -16.45 -10.15
CA ILE A 143 17.34 -17.88 -9.90
C ILE A 143 15.81 -18.15 -9.92
N ALA A 144 15.02 -17.23 -9.35
CA ALA A 144 13.55 -17.34 -9.37
C ALA A 144 12.88 -16.94 -10.70
N GLY A 145 13.65 -16.70 -11.75
CA GLY A 145 13.11 -16.40 -13.07
C GLY A 145 12.59 -14.97 -13.23
N LEU A 146 13.17 -14.04 -12.47
CA LEU A 146 12.77 -12.64 -12.51
C LEU A 146 13.90 -11.82 -13.09
N ASN A 147 13.63 -11.09 -14.16
CA ASN A 147 14.55 -10.04 -14.62
C ASN A 147 14.44 -8.93 -13.59
N VAL A 148 15.52 -8.71 -12.83
CA VAL A 148 15.52 -7.70 -11.80
C VAL A 148 15.80 -6.35 -12.47
N GLU A 149 14.73 -5.60 -12.69
CA GLU A 149 14.79 -4.34 -13.45
C GLU A 149 15.54 -3.26 -12.66
N ARG A 150 15.33 -3.22 -11.34
CA ARG A 150 16.13 -2.38 -10.46
C ARG A 150 16.14 -2.93 -9.04
N ILE A 151 17.24 -2.69 -8.34
CA ILE A 151 17.33 -2.82 -6.90
C ILE A 151 17.22 -1.39 -6.35
N ILE A 152 16.26 -1.13 -5.47
CA ILE A 152 16.17 0.18 -4.78
C ILE A 152 16.23 0.03 -3.24
N ASN A 153 16.61 1.11 -2.56
CA ASN A 153 16.69 1.11 -1.09
C ASN A 153 15.30 1.07 -0.47
N GLU A 154 15.18 0.40 0.67
CA GLU A 154 13.91 0.36 1.39
C GLU A 154 13.35 1.75 1.73
N PRO A 155 14.18 2.67 2.26
CA PRO A 155 13.63 4.02 2.52
C PRO A 155 13.23 4.80 1.26
N THR A 156 13.96 4.62 0.17
CA THR A 156 13.58 5.17 -1.13
C THR A 156 12.21 4.64 -1.57
N ALA A 157 12.02 3.32 -1.44
CA ALA A 157 10.73 2.72 -1.75
C ALA A 157 9.61 3.32 -0.89
N ALA A 158 9.87 3.51 0.40
CA ALA A 158 8.90 4.13 1.30
C ALA A 158 8.53 5.54 0.84
N ALA A 159 9.55 6.33 0.50
CA ALA A 159 9.35 7.70 0.01
C ALA A 159 8.51 7.75 -1.28
N LEU A 160 8.76 6.82 -2.20
CA LEU A 160 7.94 6.65 -3.42
C LEU A 160 6.49 6.32 -3.12
N ALA A 161 6.25 5.45 -2.15
CA ALA A 161 4.89 5.10 -1.75
C ALA A 161 4.10 6.33 -1.25
N TYR A 162 4.80 7.23 -0.53
CA TYR A 162 4.21 8.46 -0.02
C TYR A 162 4.20 9.61 -1.04
N GLY A 163 4.65 9.36 -2.26
CA GLY A 163 4.62 10.35 -3.33
C GLY A 163 5.55 11.53 -3.12
N ILE A 164 6.63 11.33 -2.38
CA ILE A 164 7.50 12.45 -1.99
C ILE A 164 8.28 13.00 -3.19
N ASP A 165 8.59 12.14 -4.16
CA ASP A 165 9.16 12.59 -5.43
C ASP A 165 8.26 13.54 -6.25
N LYS A 166 6.98 13.65 -5.89
CA LYS A 166 6.05 14.58 -6.52
C LYS A 166 5.97 15.95 -5.82
N ALA A 167 6.87 16.24 -4.87
CA ALA A 167 6.77 17.47 -4.07
C ALA A 167 7.10 18.75 -4.82
N SER A 168 7.88 18.66 -5.90
CA SER A 168 8.43 19.83 -6.63
C SER A 168 9.24 20.79 -5.74
N ARG A 169 9.99 20.19 -4.83
CA ARG A 169 10.89 20.92 -3.94
C ARG A 169 11.84 19.92 -3.30
N GLU A 170 12.98 20.42 -2.82
CA GLU A 170 13.91 19.57 -2.09
C GLU A 170 13.25 19.14 -0.77
N MET A 171 13.28 17.84 -0.51
CA MET A 171 12.69 17.26 0.70
C MET A 171 13.76 16.50 1.46
N LYS A 172 13.86 16.79 2.76
CA LYS A 172 14.72 16.05 3.68
C LYS A 172 13.76 15.18 4.48
N VAL A 173 13.91 13.87 4.34
CA VAL A 173 12.95 12.90 4.87
C VAL A 173 13.66 11.93 5.82
N LEU A 174 13.14 11.82 7.04
CA LEU A 174 13.60 10.85 8.02
C LEU A 174 12.74 9.59 7.90
N VAL A 175 13.38 8.45 7.66
CA VAL A 175 12.68 7.18 7.54
C VAL A 175 13.16 6.31 8.69
N TYR A 176 12.26 6.06 9.63
CA TYR A 176 12.53 5.20 10.80
C TYR A 176 11.88 3.85 10.49
N ASP A 177 12.71 2.81 10.40
CA ASP A 177 12.30 1.46 10.01
C ASP A 177 12.64 0.48 11.12
N LEU A 178 11.62 -0.02 11.81
CA LEU A 178 11.79 -1.05 12.83
C LEU A 178 10.97 -2.27 12.41
N GLY A 179 11.70 -3.31 12.01
CA GLY A 179 11.09 -4.54 11.51
C GLY A 179 11.02 -5.63 12.56
N GLY A 180 11.07 -6.87 12.12
CA GLY A 180 11.10 -8.03 13.02
C GLY A 180 12.49 -8.34 13.54
N GLY A 181 13.49 -8.13 12.69
CA GLY A 181 14.88 -8.44 13.00
C GLY A 181 15.83 -7.27 13.02
N THR A 182 15.48 -6.16 12.35
CA THR A 182 16.43 -5.07 12.12
C THR A 182 15.83 -3.68 12.37
N PHE A 183 16.72 -2.76 12.71
CA PHE A 183 16.37 -1.38 12.89
C PHE A 183 17.25 -0.51 11.98
N ASP A 184 16.64 0.43 11.28
CA ASP A 184 17.36 1.42 10.48
C ASP A 184 16.69 2.77 10.58
N VAL A 185 17.50 3.81 10.61
CA VAL A 185 17.00 5.16 10.39
C VAL A 185 17.91 5.78 9.32
N SER A 186 17.28 6.27 8.25
CA SER A 186 17.99 6.87 7.11
C SER A 186 17.43 8.28 6.90
N LEU A 187 18.32 9.21 6.54
CA LEU A 187 17.92 10.57 6.17
C LEU A 187 18.08 10.68 4.66
N LEU A 188 16.98 10.92 3.95
CA LEU A 188 17.00 11.04 2.49
C LEU A 188 16.94 12.50 2.07
N ASP A 189 17.63 12.81 0.97
CA ASP A 189 17.45 14.05 0.25
C ASP A 189 16.80 13.73 -1.09
N ILE A 190 15.64 14.33 -1.34
CA ILE A 190 14.87 14.05 -2.53
C ILE A 190 14.68 15.36 -3.27
N ALA A 191 15.27 15.46 -4.47
CA ALA A 191 15.17 16.65 -5.32
C ALA A 191 15.21 16.26 -6.80
N GLU A 192 14.17 16.65 -7.53
CA GLU A 192 14.05 16.41 -8.99
C GLU A 192 14.14 14.92 -9.37
N GLY A 193 13.52 14.06 -8.57
CA GLY A 193 13.54 12.62 -8.82
C GLY A 193 14.78 11.87 -8.38
N THR A 194 15.82 12.59 -7.93
CA THR A 194 17.02 11.97 -7.38
C THR A 194 16.81 11.76 -5.89
N PHE A 195 17.07 10.55 -5.42
CA PHE A 195 17.04 10.19 -4.00
C PHE A 195 18.47 9.96 -3.58
N GLU A 196 18.96 10.73 -2.63
CA GLU A 196 20.29 10.50 -2.04
C GLU A 196 20.11 10.16 -0.57
N VAL A 197 20.75 9.07 -0.13
CA VAL A 197 20.84 8.74 1.28
C VAL A 197 21.98 9.58 1.85
N LEU A 198 21.63 10.59 2.63
CA LEU A 198 22.62 11.43 3.30
C LEU A 198 23.31 10.70 4.44
N ALA A 199 22.55 9.85 5.15
CA ALA A 199 23.07 9.09 6.26
C ALA A 199 22.13 7.94 6.58
N THR A 200 22.72 6.85 7.07
CA THR A 200 21.98 5.69 7.56
C THR A 200 22.70 5.14 8.79
N ALA A 201 21.93 4.81 9.83
CA ALA A 201 22.44 4.23 11.07
C ALA A 201 21.42 3.25 11.59
N GLY A 202 21.90 2.20 12.26
CA GLY A 202 21.01 1.19 12.77
C GLY A 202 21.68 0.02 13.43
N ASP A 203 20.90 -1.05 13.57
CA ASP A 203 21.31 -2.24 14.28
C ASP A 203 20.58 -3.42 13.62
N ASN A 204 21.31 -4.34 13.01
N ASN A 204 21.37 -4.34 13.06
CA ASN A 204 20.66 -5.50 12.37
CA ASN A 204 20.87 -5.55 12.40
C ASN A 204 20.41 -6.68 13.33
C ASN A 204 20.36 -6.64 13.33
N ARG A 205 20.56 -6.46 14.64
CA ARG A 205 20.13 -7.44 15.66
C ARG A 205 19.21 -6.73 16.68
N LEU A 206 18.32 -5.88 16.18
CA LEU A 206 17.34 -5.17 16.99
C LEU A 206 16.06 -5.07 16.19
N GLY A 207 15.03 -5.80 16.60
CA GLY A 207 13.73 -5.73 15.93
C GLY A 207 12.66 -6.33 16.81
N GLY A 208 11.45 -6.40 16.28
CA GLY A 208 10.30 -6.96 16.98
C GLY A 208 10.48 -8.30 17.65
N ASP A 209 11.31 -9.19 17.07
CA ASP A 209 11.68 -10.47 17.70
C ASP A 209 12.21 -10.29 19.13
N ASP A 210 12.98 -9.22 19.34
CA ASP A 210 13.59 -8.95 20.63
C ASP A 210 12.57 -8.50 21.66
N TRP A 211 11.54 -7.79 21.20
CA TRP A 211 10.40 -7.46 22.05
C TRP A 211 9.64 -8.74 22.42
N ASP A 212 9.42 -9.63 21.45
CA ASP A 212 8.81 -10.95 21.71
C ASP A 212 9.60 -11.71 22.77
N ASN A 213 10.93 -11.69 22.64
CA ASN A 213 11.80 -12.42 23.58
C ASN A 213 11.69 -11.92 25.02
N LYS A 214 11.41 -10.63 25.22
CA LYS A 214 11.16 -10.11 26.57
C LYS A 214 9.86 -10.68 27.16
N ILE A 215 8.85 -10.87 26.30
CA ILE A 215 7.60 -11.51 26.73
C ILE A 215 7.85 -12.98 27.05
N ILE A 216 8.64 -13.67 26.22
CA ILE A 216 9.02 -15.06 26.51
C ILE A 216 9.69 -15.17 27.89
N GLU A 217 10.60 -14.25 28.20
CA GLU A 217 11.24 -14.21 29.54
C GLU A 217 10.24 -13.97 30.67
N TYR A 218 9.28 -13.09 30.43
CA TYR A 218 8.19 -12.81 31.37
C TYR A 218 7.33 -14.04 31.62
N ILE A 219 6.96 -14.76 30.57
CA ILE A 219 6.18 -16.01 30.72
C ILE A 219 7.01 -17.05 31.47
N SER A 220 8.27 -17.21 31.06
CA SER A 220 9.18 -18.16 31.68
C SER A 220 9.39 -17.90 33.17
N ALA A 221 9.50 -16.62 33.55
CA ALA A 221 9.65 -16.25 34.96
C ALA A 221 8.41 -16.60 35.76
N TYR A 222 7.23 -16.40 35.15
CA TYR A 222 5.95 -16.77 35.78
C TYR A 222 5.85 -18.29 35.96
N ILE A 223 6.17 -19.03 34.90
CA ILE A 223 6.18 -20.49 34.97
C ILE A 223 7.05 -21.00 36.13
N ALA A 224 8.28 -20.49 36.22
CA ALA A 224 9.22 -20.90 37.26
C ALA A 224 8.73 -20.55 38.67
N LYS A 225 8.11 -19.38 38.81
CA LYS A 225 7.53 -18.93 40.08
C LYS A 225 6.37 -19.83 40.52
N GLU A 226 5.49 -20.19 39.59
CA GLU A 226 4.31 -20.97 39.89
C GLU A 226 4.56 -22.48 39.99
N HIS A 227 5.69 -22.97 39.45
CA HIS A 227 5.94 -24.42 39.35
C HIS A 227 7.37 -24.79 39.75
N GLN A 228 7.82 -24.24 40.88
CA GLN A 228 9.08 -24.62 41.53
C GLN A 228 10.32 -24.67 40.64
N GLY A 229 10.47 -23.67 39.76
CA GLY A 229 11.64 -23.57 38.89
C GLY A 229 11.53 -24.28 37.55
N LEU A 230 10.35 -24.82 37.25
CA LEU A 230 10.09 -25.48 35.97
C LEU A 230 10.60 -24.61 34.83
N ASN A 231 11.34 -25.23 33.92
CA ASN A 231 12.06 -24.54 32.84
C ASN A 231 11.84 -25.35 31.56
N LEU A 232 11.18 -24.74 30.57
CA LEU A 232 10.87 -25.40 29.29
C LEU A 232 11.76 -24.99 28.12
N SER A 233 12.90 -24.38 28.42
CA SER A 233 13.78 -23.80 27.39
C SER A 233 14.32 -24.84 26.40
N LYS A 234 14.41 -26.11 26.81
CA LYS A 234 14.87 -27.19 25.91
C LYS A 234 13.74 -28.03 25.30
N ASP A 235 12.49 -27.64 25.52
CA ASP A 235 11.31 -28.33 24.97
C ASP A 235 10.87 -27.57 23.71
N LYS A 236 11.17 -28.14 22.54
CA LYS A 236 11.01 -27.44 21.26
C LYS A 236 9.57 -27.03 20.97
N MET A 237 8.62 -27.94 21.19
CA MET A 237 7.21 -27.64 20.97
C MET A 237 6.71 -26.55 21.92
N ALA A 238 7.10 -26.63 23.20
CA ALA A 238 6.75 -25.60 24.17
C ALA A 238 7.28 -24.24 23.74
N MET A 239 8.55 -24.21 23.32
CA MET A 239 9.18 -22.98 22.82
C MET A 239 8.52 -22.45 21.55
N GLN A 240 8.08 -23.34 20.67
CA GLN A 240 7.29 -22.96 19.48
C GLN A 240 6.02 -22.21 19.91
N ARG A 241 5.32 -22.78 20.87
CA ARG A 241 4.09 -22.18 21.39
C ARG A 241 4.35 -20.84 22.12
N LEU A 242 5.43 -20.77 22.89
CA LEU A 242 5.79 -19.54 23.60
C LEU A 242 6.15 -18.38 22.67
N LYS A 243 6.92 -18.68 21.62
CA LYS A 243 7.27 -17.67 20.61
C LYS A 243 5.99 -17.12 19.93
N GLU A 244 5.09 -18.01 19.56
CA GLU A 244 3.83 -17.61 18.92
C GLU A 244 2.90 -16.82 19.86
N ALA A 245 2.76 -17.28 21.11
CA ALA A 245 1.98 -16.54 22.11
C ALA A 245 2.58 -15.17 22.40
N ALA A 246 3.91 -15.08 22.49
CA ALA A 246 4.59 -13.81 22.73
C ALA A 246 4.36 -12.81 21.61
N GLU A 247 4.45 -13.25 20.35
CA GLU A 247 4.19 -12.34 19.23
C GLU A 247 2.73 -11.88 19.22
N ARG A 248 1.81 -12.82 19.42
CA ARG A 248 0.39 -12.50 19.52
C ARG A 248 0.07 -11.50 20.64
N ALA A 249 0.65 -11.72 21.82
CA ALA A 249 0.40 -10.83 22.97
C ALA A 249 0.90 -9.42 22.67
N LYS A 250 2.10 -9.33 22.10
CA LYS A 250 2.67 -8.04 21.69
C LYS A 250 1.75 -7.28 20.73
N ILE A 251 1.30 -7.97 19.68
CA ILE A 251 0.44 -7.37 18.68
C ILE A 251 -0.86 -6.85 19.31
N GLU A 252 -1.48 -7.64 20.19
CA GLU A 252 -2.68 -7.18 20.89
C GLU A 252 -2.45 -5.92 21.73
N LEU A 253 -1.26 -5.82 22.34
CA LEU A 253 -0.90 -4.66 23.17
C LEU A 253 -0.69 -3.36 22.40
N SER A 254 -0.62 -3.43 21.08
CA SER A 254 -0.66 -2.22 20.24
C SER A 254 -2.05 -1.61 20.20
N ALA A 255 -3.09 -2.41 20.43
CA ALA A 255 -4.49 -1.95 20.39
C ALA A 255 -5.25 -2.07 21.72
N GLN A 256 -4.65 -2.73 22.73
CA GLN A 256 -5.28 -3.00 24.04
C GLN A 256 -4.32 -2.57 25.13
N LEU A 257 -4.84 -2.25 26.31
CA LEU A 257 -4.00 -1.94 27.49
C LEU A 257 -3.54 -3.18 28.24
N GLU A 258 -4.13 -4.33 27.93
CA GLU A 258 -3.68 -5.59 28.47
C GLU A 258 -4.09 -6.74 27.57
N THR A 259 -3.47 -7.88 27.81
CA THR A 259 -3.72 -9.08 27.02
C THR A 259 -3.49 -10.29 27.91
N ILE A 260 -4.13 -11.41 27.58
CA ILE A 260 -3.99 -12.66 28.29
C ILE A 260 -3.21 -13.65 27.44
N ILE A 261 -2.11 -14.15 27.98
CA ILE A 261 -1.34 -15.20 27.34
C ILE A 261 -1.95 -16.52 27.80
N SER A 262 -2.48 -17.28 26.85
CA SER A 262 -3.20 -18.52 27.14
C SER A 262 -2.45 -19.70 26.53
N LEU A 263 -1.87 -20.54 27.38
CA LEU A 263 -1.13 -21.73 26.94
C LEU A 263 -1.51 -22.96 27.79
N PRO A 264 -2.65 -23.60 27.45
CA PRO A 264 -3.04 -24.85 28.12
C PRO A 264 -2.13 -26.01 27.73
N PHE A 265 -1.88 -26.91 28.67
CA PHE A 265 -1.07 -28.12 28.45
C PHE A 265 0.31 -27.83 27.86
N LEU A 266 0.97 -26.81 28.38
CA LEU A 266 2.31 -26.43 27.91
C LEU A 266 3.28 -27.59 28.13
N THR A 267 3.14 -28.24 29.28
CA THR A 267 3.71 -29.56 29.52
C THR A 267 2.87 -30.30 30.55
N VAL A 268 3.24 -31.55 30.82
CA VAL A 268 2.65 -32.34 31.90
C VAL A 268 3.79 -32.87 32.77
N THR A 269 3.70 -32.65 34.07
CA THR A 269 4.66 -33.17 35.04
C THR A 269 4.03 -34.32 35.83
N GLN A 270 4.81 -34.88 36.76
CA GLN A 270 4.31 -35.79 37.79
CA GLN A 270 4.30 -35.80 37.78
C GLN A 270 3.07 -35.24 38.51
N LYS A 271 3.04 -33.92 38.72
CA LYS A 271 1.91 -33.25 39.39
C LYS A 271 0.70 -32.96 38.51
N GLY A 272 0.84 -33.07 37.18
CA GLY A 272 -0.27 -32.85 36.24
C GLY A 272 0.05 -31.83 35.16
N PRO A 273 -0.98 -31.41 34.41
CA PRO A 273 -0.81 -30.42 33.34
C PRO A 273 -0.38 -29.04 33.82
N VAL A 274 0.50 -28.41 33.05
CA VAL A 274 0.92 -27.03 33.30
C VAL A 274 0.14 -26.17 32.30
N ASN A 275 -0.81 -25.39 32.83
CA ASN A 275 -1.64 -24.46 32.05
C ASN A 275 -1.27 -23.03 32.47
N VAL A 276 -0.89 -22.22 31.49
CA VAL A 276 -0.57 -20.81 31.70
C VAL A 276 -1.76 -19.96 31.26
N GLU A 277 -2.24 -19.10 32.16
CA GLU A 277 -3.22 -18.05 31.85
C GLU A 277 -2.71 -16.76 32.51
N LEU A 278 -1.92 -15.99 31.77
CA LEU A 278 -1.10 -14.93 32.34
C LEU A 278 -1.42 -13.57 31.71
N LYS A 279 -1.77 -12.60 32.55
CA LYS A 279 -2.00 -11.24 32.08
C LYS A 279 -0.67 -10.51 31.85
N LEU A 280 -0.59 -9.79 30.75
CA LEU A 280 0.49 -8.82 30.52
C LEU A 280 -0.15 -7.49 30.16
N THR A 281 0.16 -6.45 30.94
CA THR A 281 -0.35 -5.11 30.66
C THR A 281 0.61 -4.41 29.69
N ARG A 282 0.08 -3.41 29.00
CA ARG A 282 0.90 -2.60 28.10
C ARG A 282 2.02 -1.92 28.89
N ALA A 283 1.71 -1.44 30.09
CA ALA A 283 2.68 -0.74 30.92
C ALA A 283 3.85 -1.65 31.28
N LYS A 284 3.55 -2.87 31.72
CA LYS A 284 4.58 -3.85 32.05
C LYS A 284 5.43 -4.20 30.83
N PHE A 285 4.77 -4.45 29.70
CA PHE A 285 5.44 -4.74 28.43
C PHE A 285 6.42 -3.63 28.04
N GLU A 286 5.97 -2.39 28.13
CA GLU A 286 6.82 -1.22 27.86
C GLU A 286 8.00 -1.11 28.83
N GLU A 287 7.76 -1.36 30.11
CA GLU A 287 8.84 -1.41 31.10
C GLU A 287 9.87 -2.49 30.75
N LEU A 288 9.42 -3.70 30.43
CA LEU A 288 10.34 -4.79 30.08
C LEU A 288 11.19 -4.50 28.84
N THR A 289 10.60 -3.78 27.88
CA THR A 289 11.20 -3.58 26.57
C THR A 289 11.82 -2.19 26.38
N LYS A 290 11.78 -1.37 27.43
CA LYS A 290 12.39 -0.03 27.42
C LYS A 290 13.85 0.00 26.91
N PRO A 291 14.72 -0.92 27.38
CA PRO A 291 16.10 -0.91 26.85
C PRO A 291 16.20 -1.12 25.34
N LEU A 292 15.31 -1.94 24.79
CA LEU A 292 15.27 -2.16 23.34
C LEU A 292 14.82 -0.91 22.60
N LEU A 293 13.69 -0.35 23.05
CA LEU A 293 13.15 0.87 22.45
C LEU A 293 14.18 2.01 22.49
N GLU A 294 14.82 2.19 23.64
CA GLU A 294 15.77 3.27 23.80
C GLU A 294 17.04 3.17 22.96
N ARG A 295 17.38 1.98 22.49
CA ARG A 295 18.47 1.79 21.53
C ARG A 295 18.17 2.42 20.15
N THR A 296 16.89 2.72 19.86
CA THR A 296 16.52 3.37 18.60
C THR A 296 16.58 4.91 18.62
N ARG A 297 16.79 5.51 19.80
CA ARG A 297 16.71 6.96 19.96
C ARG A 297 17.96 7.67 19.44
N ASN A 298 19.13 7.32 20.01
CA ASN A 298 20.38 7.99 19.64
C ASN A 298 20.69 7.96 18.13
N PRO A 299 20.45 6.82 17.45
CA PRO A 299 20.65 6.78 16.00
C PRO A 299 19.87 7.83 15.18
N ILE A 300 18.69 8.24 15.67
CA ILE A 300 17.95 9.35 15.06
C ILE A 300 18.79 10.64 15.08
N SER A 301 19.26 11.00 16.27
CA SER A 301 20.15 12.17 16.44
C SER A 301 21.42 12.05 15.63
N ASP A 302 21.99 10.85 15.60
CA ASP A 302 23.21 10.57 14.84
C ASP A 302 23.05 10.82 13.34
N VAL A 303 21.97 10.35 12.72
CA VAL A 303 21.81 10.56 11.26
C VAL A 303 21.55 12.02 10.91
N ILE A 304 20.83 12.73 11.77
CA ILE A 304 20.59 14.15 11.58
C ILE A 304 21.93 14.91 11.59
N LYS A 305 22.78 14.61 12.57
CA LYS A 305 24.12 15.21 12.67
C LYS A 305 25.02 14.84 11.49
N GLU A 306 25.02 13.57 11.10
CA GLU A 306 25.77 13.12 9.90
C GLU A 306 25.38 13.86 8.63
N ALA A 307 24.08 14.08 8.45
CA ALA A 307 23.56 14.77 7.27
C ALA A 307 23.78 16.28 7.30
N LYS A 308 24.30 16.81 8.41
CA LYS A 308 24.69 18.21 8.56
C LYS A 308 23.47 19.12 8.50
N ILE A 309 22.37 18.68 9.11
CA ILE A 309 21.14 19.48 9.21
C ILE A 309 20.70 19.57 10.66
N LYS A 310 19.79 20.50 10.95
CA LYS A 310 19.10 20.55 12.25
C LYS A 310 17.77 19.78 12.14
N PRO A 311 17.22 19.32 13.28
CA PRO A 311 15.93 18.60 13.26
C PRO A 311 14.77 19.36 12.62
N GLU A 312 14.70 20.68 12.79
CA GLU A 312 13.62 21.48 12.21
C GLU A 312 13.66 21.57 10.68
N GLU A 313 14.80 21.23 10.07
CA GLU A 313 14.92 21.13 8.62
C GLU A 313 14.32 19.84 8.02
N ILE A 314 13.95 18.86 8.85
CA ILE A 314 13.29 17.66 8.33
C ILE A 314 11.88 18.04 7.87
N ASN A 315 11.57 17.72 6.62
CA ASN A 315 10.27 18.04 6.03
C ASN A 315 9.21 16.98 6.30
N GLU A 316 9.63 15.71 6.32
CA GLU A 316 8.70 14.60 6.55
C GLU A 316 9.39 13.44 7.27
N ILE A 317 8.63 12.73 8.10
CA ILE A 317 9.09 11.54 8.79
C ILE A 317 8.17 10.41 8.41
N LEU A 318 8.73 9.29 7.95
CA LEU A 318 7.95 8.11 7.60
C LEU A 318 8.25 6.98 8.58
N LEU A 319 7.20 6.31 9.06
CA LEU A 319 7.34 5.12 9.90
C LEU A 319 7.17 3.90 9.01
N VAL A 320 8.17 3.02 9.04
CA VAL A 320 8.23 1.83 8.22
C VAL A 320 8.51 0.64 9.14
N GLY A 321 7.92 -0.50 8.81
CA GLY A 321 8.09 -1.73 9.57
C GLY A 321 6.95 -1.99 10.51
N GLY A 322 6.60 -3.26 10.69
CA GLY A 322 5.45 -3.67 11.51
C GLY A 322 5.53 -3.22 12.97
N SER A 323 6.75 -3.13 13.51
CA SER A 323 6.97 -2.71 14.90
C SER A 323 6.64 -1.24 15.16
N THR A 324 6.60 -0.40 14.11
CA THR A 324 6.17 1.00 14.28
C THR A 324 4.69 1.15 14.59
N ARG A 325 3.92 0.06 14.55
CA ARG A 325 2.56 0.07 15.08
C ARG A 325 2.50 0.14 16.61
N MET A 326 3.62 -0.11 17.30
CA MET A 326 3.65 0.00 18.77
C MET A 326 3.54 1.46 19.20
N PRO A 327 2.58 1.78 20.10
CA PRO A 327 2.42 3.18 20.57
C PRO A 327 3.71 3.81 21.13
N ALA A 328 4.49 3.05 21.91
CA ALA A 328 5.74 3.58 22.48
C ALA A 328 6.76 3.95 21.39
N VAL A 329 6.78 3.19 20.30
CA VAL A 329 7.65 3.53 19.15
C VAL A 329 7.23 4.86 18.52
N GLN A 330 5.93 5.02 18.25
CA GLN A 330 5.43 6.25 17.64
C GLN A 330 5.73 7.47 18.52
N LYS A 331 5.51 7.32 19.82
CA LYS A 331 5.77 8.41 20.76
C LYS A 331 7.24 8.77 20.83
N LEU A 332 8.12 7.77 20.79
CA LEU A 332 9.55 8.04 20.79
C LEU A 332 9.94 8.87 19.57
N VAL A 333 9.48 8.47 18.38
CA VAL A 333 9.86 9.18 17.17
C VAL A 333 9.32 10.63 17.19
N GLU A 334 8.06 10.78 17.59
CA GLU A 334 7.44 12.12 17.80
C GLU A 334 8.26 13.01 18.72
N SER A 335 8.78 12.42 19.79
CA SER A 335 9.59 13.16 20.78
C SER A 335 10.90 13.71 20.19
N MET A 336 11.43 13.05 19.16
CA MET A 336 12.70 13.44 18.55
C MET A 336 12.59 14.46 17.42
N VAL A 337 11.39 14.71 16.92
CA VAL A 337 11.19 15.79 15.94
C VAL A 337 9.96 16.61 16.34
N PRO A 338 10.12 17.49 17.35
CA PRO A 338 9.05 18.39 17.79
C PRO A 338 8.39 19.14 16.63
N GLY A 339 7.06 19.18 16.65
CA GLY A 339 6.29 19.91 15.64
C GLY A 339 6.02 19.16 14.34
N LYS A 340 6.57 17.95 14.19
CA LYS A 340 6.34 17.12 13.01
C LYS A 340 5.61 15.86 13.42
N LYS A 341 4.61 15.48 12.63
CA LYS A 341 3.84 14.27 12.89
C LYS A 341 4.39 13.17 11.98
N PRO A 342 4.96 12.09 12.56
CA PRO A 342 5.40 10.96 11.74
C PRO A 342 4.25 10.36 10.95
N ASN A 343 4.50 10.03 9.69
CA ASN A 343 3.48 9.47 8.83
C ASN A 343 3.48 7.96 8.91
N ARG A 344 2.33 7.39 9.27
CA ARG A 344 2.12 5.95 9.22
C ARG A 344 0.77 5.61 8.57
N SER A 345 0.32 6.45 7.65
CA SER A 345 -0.98 6.25 7.01
C SER A 345 -0.99 5.10 6.01
N ILE A 346 0.17 4.76 5.43
CA ILE A 346 0.32 3.55 4.62
C ILE A 346 0.79 2.44 5.55
N ASN A 347 0.09 1.31 5.56
CA ASN A 347 0.45 0.15 6.39
C ASN A 347 1.97 -0.02 6.37
N PRO A 348 2.62 0.08 7.55
CA PRO A 348 4.09 0.17 7.51
C PRO A 348 4.79 -1.14 7.17
N ASP A 349 4.11 -2.29 7.30
CA ASP A 349 4.66 -3.56 6.80
C ASP A 349 4.45 -3.82 5.30
N GLU A 350 3.68 -2.96 4.63
CA GLU A 350 3.42 -3.02 3.19
C GLU A 350 4.05 -1.90 2.36
N VAL A 351 4.43 -0.80 3.01
CA VAL A 351 4.81 0.44 2.31
C VAL A 351 6.02 0.27 1.38
N VAL A 352 6.99 -0.54 1.77
CA VAL A 352 8.18 -0.78 0.96
C VAL A 352 7.83 -1.52 -0.34
N ALA A 353 6.99 -2.55 -0.23
CA ALA A 353 6.51 -3.29 -1.41
C ALA A 353 5.69 -2.39 -2.33
N ILE A 354 4.83 -1.56 -1.75
CA ILE A 354 4.05 -0.58 -2.50
C ILE A 354 4.95 0.37 -3.31
N GLY A 355 6.00 0.89 -2.67
CA GLY A 355 6.97 1.73 -3.35
C GLY A 355 7.69 1.02 -4.48
N ALA A 356 8.08 -0.23 -4.22
CA ALA A 356 8.68 -1.06 -5.25
C ALA A 356 7.75 -1.24 -6.44
N ALA A 357 6.46 -1.45 -6.18
CA ALA A 357 5.47 -1.62 -7.26
C ALA A 357 5.35 -0.35 -8.09
N ILE A 358 5.31 0.80 -7.41
CA ILE A 358 5.26 2.11 -8.06
C ILE A 358 6.46 2.29 -8.99
N GLN A 359 7.66 1.97 -8.50
CA GLN A 359 8.88 2.00 -9.31
C GLN A 359 8.77 1.09 -10.53
N GLY A 360 8.21 -0.10 -10.35
CA GLY A 360 7.97 -1.05 -11.45
C GLY A 360 7.08 -0.47 -12.53
N GLY A 361 5.96 0.12 -12.10
CA GLY A 361 5.04 0.83 -12.99
C GLY A 361 5.71 1.93 -13.79
N VAL A 362 6.58 2.69 -13.13
CA VAL A 362 7.38 3.75 -13.78
C VAL A 362 8.32 3.17 -14.85
N LEU A 363 9.06 2.11 -14.50
CA LEU A 363 9.98 1.48 -15.44
C LEU A 363 9.30 0.80 -16.63
N ARG A 364 8.06 0.34 -16.42
CA ARG A 364 7.27 -0.24 -17.49
C ARG A 364 6.76 0.85 -18.44
N GLY A 365 6.55 2.06 -17.90
CA GLY A 365 6.15 3.22 -18.68
C GLY A 365 4.65 3.32 -18.87
N ASP A 366 3.88 2.75 -17.94
CA ASP A 366 2.42 2.69 -18.06
C ASP A 366 1.76 4.05 -17.86
N VAL A 367 2.36 4.88 -16.99
CA VAL A 367 1.96 6.28 -16.78
C VAL A 367 0.48 6.46 -16.40
N LYS A 368 -0.11 5.43 -15.77
CA LYS A 368 -1.55 5.35 -15.57
C LYS A 368 -2.02 5.76 -14.18
N ASP A 369 -1.08 6.12 -13.29
CA ASP A 369 -1.42 6.31 -11.86
C ASP A 369 -2.44 7.44 -11.60
N VAL A 370 -3.67 7.04 -11.26
CA VAL A 370 -4.79 7.97 -11.10
C VAL A 370 -4.75 8.73 -9.78
N LEU A 371 -5.54 9.80 -9.70
CA LEU A 371 -5.68 10.62 -8.50
C LEU A 371 -6.96 10.26 -7.76
N LEU A 372 -7.02 10.56 -6.46
CA LEU A 372 -8.23 10.42 -5.65
C LEU A 372 -8.59 11.77 -5.04
N LEU A 373 -9.50 12.48 -5.71
CA LEU A 373 -9.84 13.87 -5.39
C LEU A 373 -11.15 13.97 -4.61
N ASP A 374 -11.25 14.99 -3.75
CA ASP A 374 -12.50 15.31 -3.05
C ASP A 374 -13.20 16.55 -3.64
N VAL A 375 -12.71 17.02 -4.78
CA VAL A 375 -13.29 18.15 -5.48
C VAL A 375 -13.20 17.82 -6.98
N THR A 376 -14.23 18.19 -7.76
CA THR A 376 -14.25 17.86 -9.19
C THR A 376 -13.15 18.66 -9.91
N PRO A 377 -12.30 17.98 -10.70
CA PRO A 377 -11.23 18.68 -11.42
C PRO A 377 -11.71 19.42 -12.67
N LEU A 378 -12.75 18.91 -13.32
CA LEU A 378 -13.26 19.45 -14.56
C LEU A 378 -14.78 19.58 -14.53
N THR A 379 -15.29 20.49 -15.36
CA THR A 379 -16.73 20.78 -15.44
C THR A 379 -17.47 19.61 -16.11
N LEU A 380 -18.67 19.34 -15.60
CA LEU A 380 -19.52 18.27 -16.11
C LEU A 380 -20.77 18.87 -16.74
N SER A 381 -21.04 18.50 -17.99
CA SER A 381 -22.06 19.17 -18.80
C SER A 381 -22.95 18.22 -19.57
N ILE A 382 -24.09 18.75 -20.00
CA ILE A 382 -25.02 18.08 -20.90
C ILE A 382 -25.03 18.84 -22.22
N GLU A 383 -25.07 18.10 -23.32
CA GLU A 383 -25.16 18.70 -24.66
C GLU A 383 -26.56 19.23 -24.92
N THR A 384 -26.67 20.52 -25.25
CA THR A 384 -27.94 21.16 -25.57
C THR A 384 -27.94 21.63 -27.03
N LEU A 385 -29.11 22.09 -27.48
CA LEU A 385 -29.32 22.56 -28.87
C LEU A 385 -28.12 23.27 -29.48
N GLY A 386 -27.65 22.75 -30.61
CA GLY A 386 -26.54 23.33 -31.36
C GLY A 386 -25.15 22.85 -30.94
N GLY A 387 -25.08 21.72 -30.24
CA GLY A 387 -23.81 21.19 -29.73
C GLY A 387 -23.19 21.97 -28.58
N VAL A 388 -24.01 22.70 -27.83
CA VAL A 388 -23.57 23.52 -26.71
C VAL A 388 -23.39 22.66 -25.46
N ALA A 389 -22.28 22.87 -24.73
CA ALA A 389 -22.05 22.20 -23.45
C ALA A 389 -22.68 23.04 -22.32
N THR A 390 -23.80 22.57 -21.79
CA THR A 390 -24.47 23.26 -20.69
C THR A 390 -24.00 22.64 -19.37
N PRO A 391 -23.34 23.44 -18.51
CA PRO A 391 -22.79 22.87 -17.28
C PRO A 391 -23.85 22.50 -16.24
N LEU A 392 -23.65 21.37 -15.57
CA LEU A 392 -24.51 20.91 -14.48
C LEU A 392 -23.76 20.93 -13.15
N ILE A 393 -22.53 20.41 -13.15
CA ILE A 393 -21.63 20.52 -12.00
C ILE A 393 -20.36 21.26 -12.45
N LYS A 394 -20.17 22.45 -11.92
CA LYS A 394 -19.00 23.27 -12.25
C LYS A 394 -17.73 22.67 -11.66
N ARG A 395 -16.61 22.90 -12.33
CA ARG A 395 -15.32 22.43 -11.85
C ARG A 395 -15.06 22.96 -10.43
N ASN A 396 -14.31 22.19 -9.65
CA ASN A 396 -13.95 22.53 -8.28
C ASN A 396 -15.14 22.50 -7.29
N THR A 397 -16.14 21.66 -7.59
CA THR A 397 -17.24 21.40 -6.67
C THR A 397 -16.89 20.21 -5.78
N THR A 398 -17.03 20.37 -4.47
CA THR A 398 -16.72 19.30 -3.53
C THR A 398 -17.72 18.15 -3.66
N ILE A 399 -17.21 16.92 -3.75
CA ILE A 399 -18.03 15.69 -3.81
C ILE A 399 -18.17 15.11 -2.38
N PRO A 400 -19.30 14.48 -2.03
CA PRO A 400 -20.41 14.17 -2.93
C PRO A 400 -21.33 15.36 -3.17
N VAL A 401 -22.03 15.32 -4.30
CA VAL A 401 -22.94 16.41 -4.67
C VAL A 401 -23.98 15.93 -5.70
N SER A 402 -25.17 16.52 -5.65
CA SER A 402 -26.20 16.33 -6.66
C SER A 402 -26.70 17.69 -7.13
N LYS A 403 -26.81 17.85 -8.45
CA LYS A 403 -27.30 19.09 -9.06
C LYS A 403 -28.38 18.75 -10.10
N SER A 404 -29.42 19.56 -10.15
CA SER A 404 -30.53 19.32 -11.07
C SER A 404 -30.87 20.55 -11.90
N GLN A 405 -31.34 20.31 -13.12
CA GLN A 405 -31.86 21.37 -13.98
C GLN A 405 -32.92 20.77 -14.91
N ILE A 406 -33.91 21.58 -15.26
CA ILE A 406 -35.02 21.12 -16.10
C ILE A 406 -34.77 21.63 -17.51
N PHE A 407 -34.97 20.74 -18.48
CA PHE A 407 -34.75 21.01 -19.88
C PHE A 407 -36.01 20.71 -20.65
N SER A 408 -36.04 21.15 -21.91
CA SER A 408 -37.12 20.79 -22.80
C SER A 408 -36.56 20.18 -24.10
N THR A 409 -37.46 19.97 -25.05
CA THR A 409 -37.15 19.45 -26.36
C THR A 409 -36.77 20.56 -27.33
N ALA A 410 -35.97 20.19 -28.35
CA ALA A 410 -35.46 21.15 -29.35
C ALA A 410 -36.36 21.31 -30.57
N GLN A 411 -37.11 20.27 -30.92
CA GLN A 411 -38.04 20.31 -32.07
C GLN A 411 -39.47 20.02 -31.64
N ASP A 412 -40.42 20.51 -32.44
CA ASP A 412 -41.83 20.22 -32.24
C ASP A 412 -42.06 18.72 -32.36
N ASN A 413 -42.95 18.19 -31.52
CA ASN A 413 -43.35 16.78 -31.54
C ASN A 413 -42.16 15.82 -31.41
N GLN A 414 -41.19 16.19 -30.59
CA GLN A 414 -40.02 15.37 -30.34
C GLN A 414 -40.40 14.27 -29.33
N GLU A 415 -40.11 13.02 -29.71
CA GLU A 415 -40.54 11.83 -28.97
C GLU A 415 -39.55 11.39 -27.89
N SER A 416 -38.26 11.69 -28.09
CA SER A 416 -37.24 11.38 -27.10
C SER A 416 -36.19 12.48 -27.02
N VAL A 417 -35.37 12.42 -25.97
CA VAL A 417 -34.24 13.34 -25.80
C VAL A 417 -32.95 12.53 -25.63
N ASP A 418 -31.90 12.96 -26.32
CA ASP A 418 -30.55 12.42 -26.10
C ASP A 418 -29.91 13.17 -24.94
N VAL A 419 -29.37 12.42 -23.99
CA VAL A 419 -28.64 12.95 -22.86
C VAL A 419 -27.18 12.58 -23.09
N VAL A 420 -26.42 13.53 -23.64
CA VAL A 420 -24.99 13.34 -23.92
C VAL A 420 -24.18 14.07 -22.85
N VAL A 421 -23.34 13.31 -22.14
CA VAL A 421 -22.58 13.81 -21.00
C VAL A 421 -21.14 14.07 -21.43
N CYS A 422 -20.62 15.26 -21.11
CA CYS A 422 -19.24 15.60 -21.44
C CYS A 422 -18.48 16.25 -20.27
N GLN A 423 -17.15 16.20 -20.36
CA GLN A 423 -16.26 16.67 -19.30
C GLN A 423 -15.21 17.58 -19.92
N GLY A 424 -15.03 18.76 -19.35
CA GLY A 424 -14.11 19.77 -19.87
C GLY A 424 -14.68 21.17 -19.79
N GLU A 425 -13.83 22.14 -20.10
CA GLU A 425 -14.11 23.55 -19.88
C GLU A 425 -14.53 24.33 -21.12
N ARG A 426 -14.60 23.66 -22.26
CA ARG A 426 -14.89 24.35 -23.53
C ARG A 426 -16.39 24.46 -23.78
N PRO A 427 -16.83 25.54 -24.48
CA PRO A 427 -18.26 25.83 -24.63
C PRO A 427 -19.07 24.92 -25.56
N MET A 428 -18.40 24.29 -26.53
CA MET A 428 -19.04 23.32 -27.42
C MET A 428 -18.75 21.91 -26.93
N SER A 429 -19.80 21.10 -26.82
CA SER A 429 -19.70 19.73 -26.29
C SER A 429 -18.71 18.83 -27.05
N ARG A 430 -18.63 19.00 -28.38
CA ARG A 430 -17.67 18.22 -29.20
C ARG A 430 -16.21 18.49 -28.83
N ASP A 431 -15.92 19.71 -28.35
CA ASP A 431 -14.57 20.09 -27.91
C ASP A 431 -14.20 19.61 -26.51
N ASN A 432 -15.11 18.89 -25.85
CA ASN A 432 -14.87 18.31 -24.53
C ASN A 432 -14.84 16.79 -24.66
N LYS A 433 -14.53 16.10 -23.57
CA LYS A 433 -14.41 14.64 -23.55
C LYS A 433 -15.79 14.05 -23.35
N SER A 434 -16.22 13.19 -24.27
CA SER A 434 -17.50 12.50 -24.15
C SER A 434 -17.39 11.40 -23.10
N LEU A 435 -18.25 11.45 -22.08
CA LEU A 435 -18.28 10.46 -21.01
C LEU A 435 -19.32 9.37 -21.22
N GLY A 436 -20.28 9.59 -22.13
CA GLY A 436 -21.34 8.63 -22.41
C GLY A 436 -22.64 9.28 -22.81
N ARG A 437 -23.63 8.45 -23.17
CA ARG A 437 -24.94 8.95 -23.54
C ARG A 437 -26.06 7.94 -23.31
N PHE A 438 -27.28 8.44 -23.22
CA PHE A 438 -28.47 7.62 -23.22
C PHE A 438 -29.66 8.40 -23.76
N ASN A 439 -30.75 7.68 -24.02
CA ASN A 439 -31.96 8.24 -24.58
C ASN A 439 -33.09 8.06 -23.56
N LEU A 440 -33.99 9.05 -23.50
CA LEU A 440 -35.24 8.94 -22.74
C LEU A 440 -36.38 9.21 -23.69
N GLY A 441 -37.20 8.19 -23.95
CA GLY A 441 -38.33 8.30 -24.88
C GLY A 441 -39.68 8.41 -24.19
N GLY A 442 -40.74 8.22 -24.97
CA GLY A 442 -42.11 8.29 -24.47
C GLY A 442 -42.65 9.69 -24.22
N ILE A 443 -41.98 10.69 -24.79
CA ILE A 443 -42.39 12.10 -24.59
C ILE A 443 -43.64 12.32 -25.43
N GLN A 444 -44.68 12.87 -24.82
CA GLN A 444 -45.95 13.13 -25.51
C GLN A 444 -45.79 14.29 -26.51
N PRO A 445 -46.45 14.19 -27.69
CA PRO A 445 -46.32 15.25 -28.70
C PRO A 445 -46.67 16.63 -28.17
N ALA A 446 -45.76 17.59 -28.37
CA ALA A 446 -45.96 18.96 -27.93
C ALA A 446 -44.98 19.87 -28.67
N PRO A 447 -45.26 21.19 -28.70
CA PRO A 447 -44.30 22.14 -29.28
C PRO A 447 -42.94 22.10 -28.60
N LYS A 448 -41.90 22.52 -29.32
CA LYS A 448 -40.57 22.65 -28.72
C LYS A 448 -40.67 23.63 -27.54
N GLY A 449 -39.95 23.33 -26.47
CA GLY A 449 -40.01 24.15 -25.25
C GLY A 449 -41.11 23.76 -24.26
N LYS A 450 -42.06 22.92 -24.67
CA LYS A 450 -43.19 22.52 -23.83
C LYS A 450 -42.91 21.35 -22.86
N PRO A 451 -42.42 20.19 -23.38
CA PRO A 451 -42.06 19.10 -22.47
C PRO A 451 -41.02 19.53 -21.42
N GLN A 452 -41.10 18.92 -20.24
CA GLN A 452 -40.21 19.25 -19.13
C GLN A 452 -39.53 17.99 -18.64
N ILE A 453 -38.20 17.95 -18.81
CA ILE A 453 -37.38 16.78 -18.48
C ILE A 453 -36.36 17.21 -17.44
N GLU A 454 -36.49 16.68 -16.22
CA GLU A 454 -35.53 16.96 -15.15
C GLU A 454 -34.26 16.13 -15.28
N ILE A 455 -33.12 16.80 -15.40
CA ILE A 455 -31.82 16.15 -15.51
C ILE A 455 -31.10 16.31 -14.17
N THR A 456 -30.55 15.21 -13.63
CA THR A 456 -29.83 15.23 -12.35
C THR A 456 -28.44 14.60 -12.52
N PHE A 457 -27.40 15.38 -12.20
CA PHE A 457 -26.02 14.90 -12.16
C PHE A 457 -25.72 14.66 -10.68
N SER A 458 -25.33 13.43 -10.33
CA SER A 458 -25.02 13.06 -8.95
C SER A 458 -23.65 12.40 -8.85
N LEU A 459 -22.79 12.96 -8.00
CA LEU A 459 -21.45 12.40 -7.73
C LEU A 459 -21.44 11.91 -6.28
N ASP A 460 -21.09 10.64 -6.07
CA ASP A 460 -20.97 10.09 -4.70
C ASP A 460 -19.61 10.44 -4.07
N ALA A 461 -19.40 10.02 -2.82
CA ALA A 461 -18.13 10.24 -2.12
C ALA A 461 -16.92 9.57 -2.82
N ASN A 462 -17.19 8.49 -3.54
CA ASN A 462 -16.20 7.80 -4.36
C ASN A 462 -15.93 8.48 -5.73
N GLY A 463 -16.65 9.54 -6.06
CA GLY A 463 -16.50 10.26 -7.33
C GLY A 463 -17.11 9.60 -8.56
N ILE A 464 -18.07 8.69 -8.36
CA ILE A 464 -18.78 8.01 -9.46
C ILE A 464 -19.97 8.87 -9.87
N LEU A 465 -20.15 9.04 -11.18
CA LEU A 465 -21.19 9.95 -11.73
C LEU A 465 -22.45 9.20 -12.16
N ASN A 466 -23.58 9.54 -11.54
CA ASN A 466 -24.90 9.08 -12.00
C ASN A 466 -25.66 10.25 -12.66
N VAL A 467 -26.06 10.05 -13.92
CA VAL A 467 -26.87 11.01 -14.65
C VAL A 467 -28.27 10.43 -14.90
N LYS A 468 -29.28 11.08 -14.34
CA LYS A 468 -30.68 10.65 -14.43
C LYS A 468 -31.50 11.68 -15.22
N ALA A 469 -32.43 11.19 -16.03
CA ALA A 469 -33.38 12.05 -16.77
C ALA A 469 -34.80 11.57 -16.51
N LYS A 470 -35.66 12.48 -16.03
CA LYS A 470 -37.06 12.17 -15.72
C LYS A 470 -38.02 13.11 -16.46
N ASP A 471 -38.91 12.53 -17.28
CA ASP A 471 -40.00 13.28 -17.92
C ASP A 471 -41.03 13.58 -16.84
N LEU A 472 -41.22 14.86 -16.54
CA LEU A 472 -42.06 15.27 -15.41
C LEU A 472 -43.56 15.07 -15.64
N THR A 473 -43.99 14.95 -16.90
CA THR A 473 -45.39 14.61 -17.21
C THR A 473 -45.62 13.10 -17.08
N THR A 474 -44.85 12.32 -17.84
CA THR A 474 -45.08 10.87 -17.93
C THR A 474 -44.49 10.07 -16.77
N GLN A 475 -43.59 10.68 -16.00
CA GLN A 475 -42.86 10.02 -14.91
C GLN A 475 -41.86 8.95 -15.37
N LYS A 476 -41.66 8.79 -16.69
CA LYS A 476 -40.70 7.83 -17.23
C LYS A 476 -39.30 8.38 -16.93
N GLU A 477 -38.36 7.49 -16.67
CA GLU A 477 -36.98 7.90 -16.44
C GLU A 477 -35.98 6.88 -16.93
N ASN A 478 -34.81 7.38 -17.29
CA ASN A 478 -33.67 6.56 -17.65
C ASN A 478 -32.43 7.20 -17.02
N SER A 479 -31.36 6.42 -16.92
CA SER A 479 -30.13 6.91 -16.35
C SER A 479 -28.92 6.09 -16.80
N ILE A 480 -27.74 6.61 -16.48
CA ILE A 480 -26.48 5.87 -16.64
C ILE A 480 -25.56 6.18 -15.48
N THR A 481 -24.63 5.25 -15.26
CA THR A 481 -23.53 5.40 -14.31
C THR A 481 -22.25 5.41 -15.13
N ILE A 482 -21.38 6.38 -14.87
CA ILE A 482 -20.14 6.56 -15.64
C ILE A 482 -18.99 5.87 -14.88
N SER A 483 -18.23 5.02 -15.57
CA SER A 483 -17.16 4.21 -14.94
C SER A 483 -16.02 5.06 -14.40
N SER A 489 -6.31 10.73 -13.53
CA SER A 489 -5.18 10.90 -14.43
C SER A 489 -4.73 12.37 -14.52
N GLU A 490 -3.63 12.71 -13.84
CA GLU A 490 -3.09 14.09 -13.82
C GLU A 490 -2.84 14.64 -15.22
N GLU A 491 -2.21 13.82 -16.07
CA GLU A 491 -1.81 14.26 -17.40
C GLU A 491 -3.01 14.60 -18.29
N GLU A 492 -4.06 13.78 -18.22
CA GLU A 492 -5.27 13.99 -19.01
C GLU A 492 -6.06 15.22 -18.52
N ILE A 493 -6.07 15.44 -17.20
CA ILE A 493 -6.70 16.65 -16.63
C ILE A 493 -5.97 17.90 -17.12
N GLN A 494 -4.63 17.87 -17.10
CA GLN A 494 -3.80 18.98 -17.60
C GLN A 494 -3.99 19.22 -19.10
N LYS A 495 -4.05 18.13 -19.89
CA LYS A 495 -4.35 18.21 -21.33
C LYS A 495 -5.67 18.94 -21.64
N MET A 496 -6.69 18.67 -20.83
CA MET A 496 -8.01 19.28 -21.03
C MET A 496 -8.02 20.76 -20.63
N ILE A 497 -7.40 21.07 -19.49
CA ILE A 497 -7.25 22.45 -19.04
C ILE A 497 -6.43 23.26 -20.06
N ARG A 498 -5.37 22.64 -20.57
CA ARG A 498 -4.52 23.22 -21.62
C ARG A 498 -5.30 23.50 -22.91
N ASP A 499 -6.17 22.57 -23.30
CA ASP A 499 -7.00 22.73 -24.50
C ASP A 499 -7.90 23.97 -24.40
N ALA A 500 -8.44 24.19 -23.21
CA ALA A 500 -9.26 25.37 -22.92
C ALA A 500 -8.41 26.66 -22.90
N GLU A 501 -7.27 26.59 -22.21
CA GLU A 501 -6.31 27.71 -22.16
C GLU A 501 -5.83 28.11 -23.56
N ALA A 502 -5.54 27.11 -24.38
CA ALA A 502 -5.06 27.33 -25.75
C ALA A 502 -6.11 27.91 -26.71
N ASN A 503 -7.39 27.70 -26.42
CA ASN A 503 -8.49 28.21 -27.26
C ASN A 503 -9.31 29.31 -26.57
N LYS A 504 -8.74 29.99 -25.59
CA LYS A 504 -9.49 30.91 -24.74
C LYS A 504 -10.23 31.99 -25.55
N GLU A 505 -9.55 32.56 -26.54
CA GLU A 505 -10.07 33.68 -27.32
C GLU A 505 -11.17 33.23 -28.30
N ARG A 506 -10.90 32.16 -29.03
CA ARG A 506 -11.90 31.48 -29.88
C ARG A 506 -13.18 31.16 -29.11
N ASP A 507 -13.03 30.56 -27.93
CA ASP A 507 -14.17 30.14 -27.10
C ASP A 507 -14.97 31.30 -26.51
N ASN A 508 -14.29 32.38 -26.13
CA ASN A 508 -14.98 33.60 -25.70
C ASN A 508 -15.91 34.13 -26.78
N ILE A 509 -15.47 34.11 -28.04
CA ILE A 509 -16.30 34.54 -29.17
C ILE A 509 -17.53 33.63 -29.32
N ILE A 510 -17.32 32.32 -29.13
CA ILE A 510 -18.43 31.36 -29.17
C ILE A 510 -19.41 31.64 -28.03
N ARG A 511 -18.90 31.80 -26.81
CA ARG A 511 -19.75 32.07 -25.63
C ARG A 511 -20.62 33.32 -25.78
N GLU A 512 -20.12 34.31 -26.51
CA GLU A 512 -20.87 35.53 -26.78
C GLU A 512 -22.12 35.31 -27.66
N ARG A 513 -22.18 34.18 -28.37
CA ARG A 513 -23.41 33.75 -29.08
C ARG A 513 -24.34 32.83 -28.25
N ILE A 514 -23.93 32.43 -27.06
CA ILE A 514 -24.66 31.44 -26.25
C ILE A 514 -25.32 32.12 -25.04
N GLU A 515 -26.61 31.87 -24.87
CA GLU A 515 -27.37 32.34 -23.72
C GLU A 515 -27.91 31.12 -22.99
N LEU A 516 -27.31 30.81 -21.84
CA LEU A 516 -27.70 29.66 -21.02
C LEU A 516 -28.84 29.95 -20.05
N ARG A 517 -29.30 31.19 -19.97
CA ARG A 517 -30.25 31.59 -18.92
C ARG A 517 -31.71 31.26 -19.22
N ASN A 518 -32.06 31.11 -20.51
CA ASN A 518 -33.36 30.56 -20.89
C ASN A 518 -33.28 29.05 -20.73
N GLU A 519 -34.44 28.39 -20.70
CA GLU A 519 -34.46 26.95 -20.50
C GLU A 519 -33.78 26.23 -21.67
N GLY A 520 -32.82 25.37 -21.34
CA GLY A 520 -32.09 24.59 -22.34
C GLY A 520 -32.98 23.57 -23.02
N GLU A 521 -32.55 23.16 -24.22
CA GLU A 521 -33.29 22.20 -25.04
C GLU A 521 -32.37 21.08 -25.47
N LEU A 522 -32.91 19.86 -25.48
CA LEU A 522 -32.16 18.66 -25.81
C LEU A 522 -32.62 18.09 -27.13
N GLU A 523 -31.67 17.81 -28.02
CA GLU A 523 -31.97 17.27 -29.34
C GLU A 523 -32.08 15.75 -29.31
N HIS A 524 -32.65 15.21 -30.38
CA HIS A 524 -32.57 13.79 -30.68
C HIS A 524 -32.07 13.59 -32.10
N HIS A 525 -31.06 12.75 -32.27
CA HIS A 525 -30.52 12.39 -33.57
C HIS A 525 -30.41 10.87 -33.63
N HIS A 526 -30.89 10.29 -34.74
CA HIS A 526 -30.83 8.84 -34.93
C HIS A 526 -29.38 8.41 -35.17
N HIS A 527 -29.02 7.23 -34.64
CA HIS A 527 -27.66 6.68 -34.77
C HIS A 527 -27.70 5.30 -35.42
#